data_4ZJG
#
_entry.id   4ZJG
#
_cell.length_a   70.870
_cell.length_b   70.870
_cell.length_c   146.670
_cell.angle_alpha   90.00
_cell.angle_beta   90.00
_cell.angle_gamma   90.00
#
_symmetry.space_group_name_H-M   'P 43 21 2'
#
loop_
_entity.id
_entity.type
_entity.pdbx_description
1 polymer alpha-2-Macroglobulin
2 non-polymer 'TETRAETHYLENE GLYCOL'
3 non-polymer 'TRIETHYLENE GLYCOL'
4 non-polymer 'PENTAETHYLENE GLYCOL'
5 non-polymer DI(HYDROXYETHYL)ETHER
6 non-polymer GLYCEROL
7 water water
#
_entity_poly.entity_id   1
_entity_poly.type   'polypeptide(L)'
_entity_poly.pdbx_seq_one_letter_code
;GHMASSENASSAKLSVPERQKLAQQSAGKVLTLLDLSEVQLDGAATLVLTFSIPLDPDQDFSRVIHVVDKKSGKVDGAWE
LSDNLKELRLRHLEPKRDLIVTIGKEVKALNNATFSKDYEKTITTRDIQPSVGFASRGSLLPGKVVEGLPV(MSE)ALNV
NNVDVNFFRVKPESLPAFISQWEYRNSLANWQSDKLLQ(MSE)ADLVYTGRFDLNPARNTREKLLLPLGDIKPLQQAGVY
LAV(MSE)NQAGRYDYSNPATLFTLSDIGVSAHRYHNRLDIFTQSLENGAAQQGIEVSLLNEKGQTLTQATSDAQGHVQL
ENDKNAALLLARKDGQTTLLDLKLPALDLAEFNIAGAPGYS
;
_entity_poly.pdbx_strand_id   A
#
loop_
_chem_comp.id
_chem_comp.type
_chem_comp.name
_chem_comp.formula
1PE non-polymer 'PENTAETHYLENE GLYCOL' 'C10 H22 O6'
GOL non-polymer GLYCEROL 'C3 H8 O3'
PEG non-polymer DI(HYDROXYETHYL)ETHER 'C4 H10 O3'
PG4 non-polymer 'TETRAETHYLENE GLYCOL' 'C8 H18 O5'
PGE non-polymer 'TRIETHYLENE GLYCOL' 'C6 H14 O4'
#
# COMPACT_ATOMS: atom_id res chain seq x y z
N LYS A 21 -9.76 -39.09 -13.26
CA LYS A 21 -10.53 -37.88 -13.00
C LYS A 21 -10.53 -37.00 -14.28
N LEU A 22 -9.84 -35.82 -14.25
CA LEU A 22 -9.71 -34.88 -15.38
C LEU A 22 -9.01 -35.55 -16.59
N ALA A 23 -8.35 -36.71 -16.33
CA ALA A 23 -7.64 -37.54 -17.30
C ALA A 23 -8.55 -38.05 -18.42
N GLN A 24 -9.85 -38.27 -18.13
CA GLN A 24 -10.84 -38.75 -19.10
C GLN A 24 -11.17 -37.69 -20.16
N GLN A 25 -11.36 -36.42 -19.75
CA GLN A 25 -11.66 -35.31 -20.67
C GLN A 25 -10.45 -35.00 -21.58
N SER A 26 -9.22 -35.10 -21.05
CA SER A 26 -8.00 -34.83 -21.82
C SER A 26 -7.47 -36.09 -22.54
N ALA A 27 -8.20 -37.23 -22.48
CA ALA A 27 -7.77 -38.46 -23.14
C ALA A 27 -7.79 -38.32 -24.67
N GLY A 28 -6.67 -38.69 -25.29
CA GLY A 28 -6.47 -38.59 -26.74
C GLY A 28 -5.84 -37.30 -27.19
N LYS A 29 -5.70 -36.33 -26.26
CA LYS A 29 -5.11 -35.01 -26.53
C LYS A 29 -3.62 -35.05 -26.32
N VAL A 30 -2.88 -34.28 -27.13
CA VAL A 30 -1.42 -34.21 -27.04
C VAL A 30 -0.99 -33.19 -25.97
N LEU A 31 0.18 -33.46 -25.37
CA LEU A 31 0.81 -32.56 -24.40
C LEU A 31 1.63 -31.55 -25.20
N THR A 32 1.24 -30.27 -25.13
CA THR A 32 1.87 -29.16 -25.86
C THR A 32 2.26 -28.06 -24.86
N LEU A 33 3.44 -27.46 -25.05
CA LEU A 33 3.86 -26.34 -24.21
C LEU A 33 3.38 -25.12 -24.94
N LEU A 34 2.37 -24.46 -24.38
CA LEU A 34 1.75 -23.36 -25.08
C LEU A 34 2.50 -22.05 -24.86
N ASP A 35 2.98 -21.85 -23.63
CA ASP A 35 3.60 -20.59 -23.28
C ASP A 35 4.60 -20.73 -22.17
N LEU A 36 5.50 -19.74 -22.14
CA LEU A 36 6.49 -19.51 -21.10
C LEU A 36 6.52 -18.03 -20.88
N SER A 37 6.15 -17.61 -19.66
CA SER A 37 6.12 -16.17 -19.39
C SER A 37 6.38 -15.82 -17.93
N GLU A 38 6.59 -14.54 -17.71
CA GLU A 38 6.75 -13.94 -16.41
C GLU A 38 5.48 -13.11 -16.13
N VAL A 39 4.83 -13.42 -15.01
CA VAL A 39 3.63 -12.70 -14.58
C VAL A 39 3.83 -12.30 -13.14
N GLN A 40 3.08 -11.27 -12.69
CA GLN A 40 3.11 -10.87 -11.30
C GLN A 40 2.01 -11.66 -10.61
N LEU A 41 2.42 -12.58 -9.73
CA LEU A 41 1.53 -13.41 -8.91
C LEU A 41 1.80 -13.06 -7.46
N ASP A 42 0.74 -12.60 -6.76
CA ASP A 42 0.75 -12.01 -5.41
C ASP A 42 1.58 -10.73 -5.59
N GLY A 43 2.74 -10.62 -4.95
CA GLY A 43 3.58 -9.45 -5.15
C GLY A 43 4.88 -9.73 -5.84
N ALA A 44 5.07 -10.96 -6.33
CA ALA A 44 6.33 -11.39 -6.90
C ALA A 44 6.27 -11.81 -8.37
N ALA A 45 7.38 -11.54 -9.07
CA ALA A 45 7.59 -11.97 -10.45
C ALA A 45 7.66 -13.49 -10.42
N THR A 46 6.81 -14.14 -11.24
CA THR A 46 6.67 -15.58 -11.28
C THR A 46 6.88 -16.12 -12.70
N LEU A 47 7.60 -17.23 -12.80
CA LEU A 47 7.79 -17.94 -14.06
C LEU A 47 6.62 -18.91 -14.21
N VAL A 48 5.88 -18.78 -15.33
CA VAL A 48 4.70 -19.60 -15.63
C VAL A 48 4.93 -20.34 -16.96
N LEU A 49 4.69 -21.66 -16.91
CA LEU A 49 4.74 -22.60 -18.01
C LEU A 49 3.33 -23.12 -18.20
N THR A 50 2.71 -22.73 -19.32
CA THR A 50 1.33 -23.11 -19.60
C THR A 50 1.35 -24.29 -20.55
N PHE A 51 0.67 -25.36 -20.16
CA PHE A 51 0.58 -26.62 -20.93
C PHE A 51 -0.83 -26.77 -21.48
N SER A 52 -1.00 -27.61 -22.51
CA SER A 52 -2.27 -27.76 -23.20
C SER A 52 -3.32 -28.54 -22.42
N ILE A 53 -2.88 -29.47 -21.57
CA ILE A 53 -3.74 -30.39 -20.83
C ILE A 53 -3.26 -30.54 -19.37
N PRO A 54 -4.07 -31.17 -18.46
CA PRO A 54 -3.62 -31.31 -17.07
C PRO A 54 -2.41 -32.22 -16.93
N LEU A 55 -1.46 -31.73 -16.15
CA LEU A 55 -0.22 -32.39 -15.78
C LEU A 55 -0.47 -33.31 -14.57
N ASP A 56 0.38 -34.34 -14.42
CA ASP A 56 0.34 -35.26 -13.30
C ASP A 56 0.98 -34.56 -12.09
N PRO A 57 0.31 -34.49 -10.92
CA PRO A 57 0.92 -33.79 -9.78
C PRO A 57 1.94 -34.64 -9.01
N ASP A 58 1.91 -35.99 -9.18
CA ASP A 58 2.78 -36.93 -8.46
C ASP A 58 4.23 -37.01 -8.99
N GLN A 59 4.51 -36.37 -10.13
CA GLN A 59 5.85 -36.37 -10.71
C GLN A 59 6.77 -35.32 -10.05
N ASP A 60 8.10 -35.59 -10.05
CA ASP A 60 9.09 -34.64 -9.57
C ASP A 60 9.42 -33.72 -10.72
N PHE A 61 8.96 -32.47 -10.65
CA PHE A 61 9.16 -31.48 -11.70
C PHE A 61 10.61 -30.98 -11.74
N SER A 62 11.35 -31.06 -10.62
CA SER A 62 12.75 -30.61 -10.55
C SER A 62 13.70 -31.54 -11.35
N ARG A 63 13.28 -32.80 -11.55
CA ARG A 63 14.02 -33.81 -12.32
C ARG A 63 13.81 -33.66 -13.83
N VAL A 64 12.66 -33.10 -14.25
CA VAL A 64 12.29 -32.98 -15.67
C VAL A 64 12.30 -31.54 -16.19
N ILE A 65 12.18 -30.52 -15.30
CA ILE A 65 12.21 -29.13 -15.73
C ILE A 65 13.31 -28.40 -14.96
N HIS A 66 14.28 -27.89 -15.70
CA HIS A 66 15.44 -27.19 -15.17
C HIS A 66 15.36 -25.74 -15.50
N VAL A 67 15.64 -24.90 -14.51
CA VAL A 67 15.69 -23.44 -14.63
C VAL A 67 17.08 -23.06 -14.17
N VAL A 68 17.84 -22.45 -15.07
CA VAL A 68 19.22 -22.14 -14.79
C VAL A 68 19.53 -20.69 -15.19
N ASP A 69 20.08 -19.93 -14.22
CA ASP A 69 20.55 -18.57 -14.44
C ASP A 69 21.85 -18.67 -15.18
N LYS A 70 21.96 -17.99 -16.33
CA LYS A 70 23.18 -18.05 -17.17
C LYS A 70 24.48 -17.76 -16.42
N LYS A 71 24.44 -16.90 -15.38
CA LYS A 71 25.64 -16.54 -14.59
C LYS A 71 25.72 -17.20 -13.20
N SER A 72 24.61 -17.29 -12.45
CA SER A 72 24.67 -17.84 -11.08
C SER A 72 24.24 -19.31 -10.96
N GLY A 73 23.75 -19.92 -12.03
CA GLY A 73 23.38 -21.32 -12.02
C GLY A 73 21.95 -21.59 -11.60
N LYS A 74 21.73 -22.80 -11.08
CA LYS A 74 20.46 -23.40 -10.65
C LYS A 74 19.64 -22.43 -9.79
N VAL A 75 18.45 -22.06 -10.31
CA VAL A 75 17.51 -21.15 -9.66
C VAL A 75 16.85 -21.94 -8.52
N ASP A 76 16.83 -21.39 -7.31
CA ASP A 76 16.21 -22.09 -6.19
C ASP A 76 14.68 -21.93 -6.19
N GLY A 77 14.02 -22.82 -5.48
CA GLY A 77 12.56 -22.85 -5.36
C GLY A 77 11.98 -24.08 -6.02
N ALA A 78 10.83 -24.51 -5.53
CA ALA A 78 10.13 -25.68 -6.06
C ALA A 78 8.96 -25.25 -6.94
N TRP A 79 8.62 -26.10 -7.91
CA TRP A 79 7.51 -25.87 -8.82
C TRP A 79 6.18 -26.04 -8.11
N GLU A 80 5.22 -25.20 -8.48
CA GLU A 80 3.88 -25.23 -7.93
C GLU A 80 2.90 -25.30 -9.09
N LEU A 81 2.14 -26.40 -9.19
CA LEU A 81 1.11 -26.59 -10.20
C LEU A 81 -0.11 -25.76 -9.83
N SER A 82 -0.80 -25.20 -10.82
CA SER A 82 -2.03 -24.43 -10.56
C SER A 82 -3.17 -25.40 -10.23
N ASP A 83 -4.30 -24.87 -9.71
CA ASP A 83 -5.46 -25.69 -9.35
C ASP A 83 -6.03 -26.39 -10.60
N ASN A 84 -5.96 -25.73 -11.77
CA ASN A 84 -6.44 -26.26 -13.06
C ASN A 84 -5.47 -27.33 -13.64
N LEU A 85 -4.24 -27.45 -13.07
CA LEU A 85 -3.16 -28.40 -13.39
C LEU A 85 -2.50 -28.16 -14.80
N LYS A 86 -2.72 -26.99 -15.42
CA LYS A 86 -2.16 -26.68 -16.74
C LYS A 86 -1.06 -25.61 -16.67
N GLU A 87 -0.84 -25.02 -15.50
CA GLU A 87 0.17 -23.99 -15.31
C GLU A 87 1.12 -24.41 -14.23
N LEU A 88 2.41 -24.27 -14.49
CA LEU A 88 3.45 -24.64 -13.53
C LEU A 88 4.16 -23.36 -13.18
N ARG A 89 4.22 -23.04 -11.88
CA ARG A 89 4.77 -21.78 -11.39
C ARG A 89 6.02 -21.91 -10.51
N LEU A 90 6.95 -20.95 -10.71
CA LEU A 90 8.17 -20.77 -9.93
C LEU A 90 8.22 -19.28 -9.57
N ARG A 91 7.91 -18.96 -8.29
CA ARG A 91 7.79 -17.60 -7.77
C ARG A 91 9.10 -16.97 -7.32
N HIS A 92 9.03 -15.66 -7.02
CA HIS A 92 10.06 -14.74 -6.50
C HIS A 92 11.30 -14.70 -7.40
N LEU A 93 11.09 -14.45 -8.70
CA LEU A 93 12.20 -14.33 -9.67
C LEU A 93 13.05 -13.11 -9.36
N GLU A 94 14.38 -13.27 -9.56
CA GLU A 94 15.35 -12.18 -9.43
C GLU A 94 15.18 -11.29 -10.64
N PRO A 95 15.14 -9.96 -10.49
CA PRO A 95 14.95 -9.09 -11.67
C PRO A 95 16.19 -9.05 -12.57
N LYS A 96 16.00 -8.73 -13.88
CA LYS A 96 16.99 -8.56 -14.96
C LYS A 96 18.02 -9.76 -15.01
N ARG A 97 17.49 -11.01 -15.00
CA ARG A 97 18.33 -12.22 -15.06
C ARG A 97 18.03 -13.03 -16.31
N ASP A 98 19.07 -13.63 -16.90
CA ASP A 98 18.91 -14.47 -18.09
C ASP A 98 18.74 -15.90 -17.65
N LEU A 99 17.63 -16.52 -18.01
CA LEU A 99 17.37 -17.90 -17.57
C LEU A 99 17.21 -18.83 -18.72
N ILE A 100 17.70 -20.06 -18.52
CA ILE A 100 17.56 -21.21 -19.41
C ILE A 100 16.55 -22.14 -18.75
N VAL A 101 15.45 -22.37 -19.44
CA VAL A 101 14.42 -23.30 -19.02
C VAL A 101 14.53 -24.50 -19.95
N THR A 102 14.74 -25.68 -19.36
CA THR A 102 14.82 -26.90 -20.16
C THR A 102 13.68 -27.79 -19.74
N ILE A 103 12.75 -28.00 -20.68
CA ILE A 103 11.56 -28.80 -20.48
C ILE A 103 11.89 -30.17 -21.08
N GLY A 104 12.09 -31.14 -20.20
CA GLY A 104 12.45 -32.50 -20.58
C GLY A 104 11.28 -33.23 -21.20
N LYS A 105 11.61 -34.16 -22.10
CA LYS A 105 10.73 -35.05 -22.86
C LYS A 105 9.73 -35.81 -21.95
N GLU A 106 10.22 -36.28 -20.79
CA GLU A 106 9.50 -37.14 -19.84
C GLU A 106 8.51 -36.39 -18.92
N VAL A 107 8.18 -35.11 -19.20
CA VAL A 107 7.13 -34.41 -18.47
C VAL A 107 5.83 -35.17 -18.82
N LYS A 108 5.13 -35.70 -17.79
CA LYS A 108 3.91 -36.51 -17.95
C LYS A 108 2.61 -35.73 -17.72
N ALA A 109 1.59 -36.05 -18.52
CA ALA A 109 0.25 -35.46 -18.38
C ALA A 109 -0.66 -36.47 -17.65
N LEU A 110 -1.83 -36.04 -17.22
CA LEU A 110 -2.77 -36.89 -16.50
C LEU A 110 -3.22 -38.09 -17.37
N ASN A 111 -3.41 -37.86 -18.68
CA ASN A 111 -3.86 -38.87 -19.64
C ASN A 111 -2.70 -39.80 -20.11
N ASN A 112 -1.50 -39.64 -19.49
CA ASN A 112 -0.24 -40.39 -19.70
C ASN A 112 0.56 -39.88 -20.90
N ALA A 113 0.11 -38.78 -21.55
CA ALA A 113 0.85 -38.16 -22.66
C ALA A 113 2.16 -37.59 -22.16
N THR A 114 3.16 -37.57 -23.04
CA THR A 114 4.50 -37.10 -22.78
C THR A 114 4.92 -36.20 -23.97
N PHE A 115 6.05 -35.47 -23.86
CA PHE A 115 6.60 -34.73 -25.00
C PHE A 115 7.39 -35.72 -25.86
N SER A 116 7.63 -35.35 -27.13
CA SER A 116 8.40 -36.14 -28.11
C SER A 116 9.89 -35.92 -27.93
N LYS A 117 10.23 -34.74 -27.44
CA LYS A 117 11.59 -34.28 -27.27
C LYS A 117 11.70 -33.23 -26.18
N ASP A 118 12.94 -32.91 -25.80
CA ASP A 118 13.30 -31.84 -24.90
C ASP A 118 13.14 -30.55 -25.63
N TYR A 119 12.81 -29.51 -24.89
CA TYR A 119 12.70 -28.14 -25.35
C TYR A 119 13.58 -27.28 -24.48
N GLU A 120 14.24 -26.30 -25.09
CA GLU A 120 15.05 -25.29 -24.44
C GLU A 120 14.52 -23.90 -24.76
N LYS A 121 14.17 -23.18 -23.71
CA LYS A 121 13.62 -21.85 -23.80
C LYS A 121 14.41 -20.84 -22.96
N THR A 122 14.60 -19.65 -23.49
CA THR A 122 15.25 -18.58 -22.73
C THR A 122 14.23 -17.52 -22.35
N ILE A 123 14.52 -16.78 -21.27
CA ILE A 123 13.72 -15.65 -20.82
C ILE A 123 14.65 -14.73 -19.99
N THR A 124 14.56 -13.43 -20.25
CA THR A 124 15.27 -12.40 -19.48
C THR A 124 14.20 -11.82 -18.58
N THR A 125 14.32 -11.99 -17.25
CA THR A 125 13.30 -11.52 -16.32
C THR A 125 13.26 -9.98 -16.30
N ARG A 126 12.04 -9.40 -16.14
CA ARG A 126 11.77 -7.97 -16.13
C ARG A 126 12.64 -7.23 -15.14
N ASP A 127 13.09 -6.03 -15.53
CA ASP A 127 13.89 -5.19 -14.66
C ASP A 127 12.93 -4.41 -13.72
N ILE A 128 12.49 -5.06 -12.63
CA ILE A 128 11.62 -4.36 -11.70
C ILE A 128 12.53 -3.71 -10.63
N GLN A 129 12.42 -2.36 -10.51
CA GLN A 129 13.24 -1.52 -9.64
C GLN A 129 12.82 -1.57 -8.16
N PRO A 130 13.80 -1.46 -7.22
CA PRO A 130 13.43 -1.40 -5.80
C PRO A 130 12.54 -0.20 -5.56
N SER A 131 11.51 -0.39 -4.74
CA SER A 131 10.51 0.62 -4.48
C SER A 131 10.03 0.56 -3.06
N VAL A 132 9.79 1.73 -2.45
CA VAL A 132 9.24 1.83 -1.09
C VAL A 132 8.35 3.05 -1.04
N GLY A 133 7.38 3.05 -0.14
CA GLY A 133 6.47 4.18 0.01
C GLY A 133 5.31 3.88 0.93
N PHE A 134 4.56 4.93 1.33
CA PHE A 134 3.37 4.76 2.17
C PHE A 134 2.22 4.24 1.29
N ALA A 135 1.32 3.40 1.86
CA ALA A 135 0.17 2.87 1.13
C ALA A 135 -0.70 4.00 0.54
N SER A 136 -0.82 5.14 1.25
CA SER A 136 -1.57 6.31 0.79
C SER A 136 -0.97 7.61 1.31
N ARG A 137 -1.44 8.77 0.77
CA ARG A 137 -1.12 10.13 1.24
C ARG A 137 -1.72 10.36 2.66
N GLY A 138 -2.52 9.41 3.12
CA GLY A 138 -3.13 9.48 4.43
C GLY A 138 -4.59 9.85 4.37
N SER A 139 -5.12 10.19 5.51
CA SER A 139 -6.51 10.54 5.67
C SER A 139 -6.59 11.63 6.72
N LEU A 140 -7.70 12.39 6.74
CA LEU A 140 -7.96 13.42 7.73
C LEU A 140 -8.65 12.80 8.96
N LEU A 141 -8.92 11.47 8.90
CA LEU A 141 -9.60 10.72 9.95
C LEU A 141 -8.81 10.74 11.26
N PRO A 142 -9.38 11.25 12.37
CA PRO A 142 -8.60 11.32 13.61
C PRO A 142 -8.49 9.98 14.32
N GLY A 143 -7.44 9.85 15.12
CA GLY A 143 -7.21 8.71 16.01
C GLY A 143 -6.72 9.20 17.37
N LYS A 144 -7.01 8.42 18.45
CA LYS A 144 -6.56 8.66 19.84
C LYS A 144 -5.06 8.35 19.94
N VAL A 145 -4.63 7.33 19.19
CA VAL A 145 -3.24 6.89 19.07
C VAL A 145 -2.93 6.67 17.60
N VAL A 146 -1.62 6.47 17.33
CA VAL A 146 -1.08 6.09 16.04
C VAL A 146 -0.17 4.87 16.36
N GLU A 147 -0.66 3.67 16.00
CA GLU A 147 0.02 2.38 16.22
C GLU A 147 1.04 2.08 15.11
N GLY A 148 0.63 2.28 13.85
CA GLY A 148 1.46 2.03 12.70
C GLY A 148 0.98 2.71 11.43
N LEU A 149 1.92 2.96 10.50
CA LEU A 149 1.62 3.53 9.19
C LEU A 149 1.77 2.44 8.14
N PRO A 150 0.78 2.17 7.28
CA PRO A 150 0.98 1.12 6.27
C PRO A 150 1.97 1.59 5.21
N VAL A 151 2.91 0.71 4.87
CA VAL A 151 3.89 1.01 3.85
C VAL A 151 3.93 -0.16 2.88
N MSE A 152 4.52 0.06 1.71
CA MSE A 152 4.73 -1.00 0.75
CA MSE A 152 4.72 -0.94 0.65
C MSE A 152 6.20 -0.99 0.32
O MSE A 152 6.83 0.07 0.27
CB MSE A 152 3.73 -0.96 -0.40
CB MSE A 152 3.85 -0.64 -0.61
CG MSE A 152 2.47 -1.74 -0.04
CG MSE A 152 4.26 0.60 -1.42
SE MSE A 152 1.04 -1.78 -1.34
SE MSE A 152 4.82 0.27 -3.31
CE MSE A 152 1.94 -2.68 -2.81
CE MSE A 152 6.53 -0.48 -3.07
N ALA A 153 6.78 -2.20 0.13
CA ALA A 153 8.21 -2.30 -0.18
C ALA A 153 8.54 -3.48 -1.07
N LEU A 154 9.46 -3.24 -2.00
CA LEU A 154 10.04 -4.21 -2.89
C LEU A 154 11.54 -4.00 -2.91
N ASN A 155 12.29 -4.96 -2.34
CA ASN A 155 13.75 -4.98 -2.28
C ASN A 155 14.37 -3.67 -1.70
N VAL A 156 13.67 -3.07 -0.72
CA VAL A 156 14.10 -1.91 0.08
C VAL A 156 13.97 -2.46 1.49
N ASN A 157 15.10 -2.81 2.10
CA ASN A 157 15.12 -3.42 3.42
C ASN A 157 14.87 -2.44 4.54
N ASN A 158 15.21 -1.18 4.37
CA ASN A 158 15.02 -0.19 5.43
C ASN A 158 14.76 1.17 4.85
N VAL A 159 14.16 2.06 5.66
CA VAL A 159 13.90 3.43 5.25
C VAL A 159 14.11 4.39 6.44
N ASP A 160 14.60 5.61 6.16
CA ASP A 160 14.77 6.66 7.16
C ASP A 160 13.57 7.59 7.03
N VAL A 161 12.90 7.87 8.17
CA VAL A 161 11.66 8.64 8.16
C VAL A 161 11.71 9.81 9.14
N ASN A 162 11.43 11.02 8.62
CA ASN A 162 11.30 12.24 9.38
C ASN A 162 9.81 12.49 9.67
N PHE A 163 9.47 12.80 10.94
CA PHE A 163 8.09 13.09 11.36
C PHE A 163 7.99 14.51 11.84
N PHE A 164 7.02 15.22 11.26
CA PHE A 164 6.78 16.62 11.60
C PHE A 164 5.38 16.84 12.13
N ARG A 165 5.28 17.55 13.27
CA ARG A 165 4.03 18.02 13.86
C ARG A 165 3.80 19.42 13.35
N VAL A 166 2.69 19.59 12.59
CA VAL A 166 2.27 20.85 12.00
C VAL A 166 1.96 21.82 13.17
N LYS A 167 2.47 23.06 13.11
CA LYS A 167 2.19 24.08 14.15
C LYS A 167 0.68 24.33 14.18
N PRO A 168 0.03 24.25 15.36
CA PRO A 168 -1.45 24.43 15.43
C PRO A 168 -2.01 25.57 14.61
N GLU A 169 -1.34 26.74 14.65
CA GLU A 169 -1.71 27.97 13.97
C GLU A 169 -1.45 27.90 12.45
N SER A 170 -0.55 27.03 12.04
CA SER A 170 -0.17 26.88 10.63
C SER A 170 -1.03 25.85 9.87
N LEU A 171 -1.85 25.09 10.60
CA LEU A 171 -2.65 23.98 10.07
C LEU A 171 -3.57 24.34 8.90
N PRO A 172 -4.50 25.32 8.95
CA PRO A 172 -5.35 25.59 7.79
C PRO A 172 -4.55 25.95 6.52
N ALA A 173 -3.45 26.72 6.67
CA ALA A 173 -2.55 27.10 5.57
C ALA A 173 -1.83 25.87 5.04
N PHE A 174 -1.28 25.05 5.96
CA PHE A 174 -0.55 23.82 5.64
C PHE A 174 -1.41 22.82 4.90
N ILE A 175 -2.62 22.55 5.44
CA ILE A 175 -3.51 21.54 4.91
C ILE A 175 -4.04 21.95 3.54
N SER A 176 -4.19 23.25 3.29
CA SER A 176 -4.68 23.75 2.02
C SER A 176 -3.64 23.59 0.94
N GLN A 177 -2.34 23.75 1.28
CA GLN A 177 -1.24 23.54 0.34
C GLN A 177 -1.18 22.06 -0.04
N TRP A 178 -1.16 21.19 0.98
CA TRP A 178 -1.10 19.73 0.94
C TRP A 178 -2.21 19.14 0.09
N GLU A 179 -3.47 19.58 0.31
CA GLU A 179 -4.66 19.10 -0.41
C GLU A 179 -4.72 19.55 -1.89
N TYR A 180 -3.85 20.47 -2.34
CA TYR A 180 -3.86 21.00 -3.71
C TYR A 180 -2.90 20.30 -4.70
N ARG A 181 -1.73 19.78 -4.25
CA ARG A 181 -0.75 19.12 -5.12
C ARG A 181 -1.27 17.81 -5.73
N SER A 189 9.10 22.17 -2.16
CA SER A 189 8.49 22.13 -0.82
C SER A 189 9.54 21.78 0.26
N ASP A 190 10.76 22.33 0.12
CA ASP A 190 11.90 22.12 1.03
C ASP A 190 11.75 22.98 2.31
N LYS A 191 11.53 24.29 2.15
CA LYS A 191 11.35 25.23 3.25
C LYS A 191 9.86 25.45 3.57
N LEU A 192 8.97 24.81 2.76
CA LEU A 192 7.51 24.84 2.94
C LEU A 192 7.11 23.95 4.15
N LEU A 193 8.13 23.53 4.95
CA LEU A 193 7.99 22.71 6.13
C LEU A 193 8.25 23.49 7.43
N GLN A 194 8.34 24.85 7.37
CA GLN A 194 8.45 25.62 8.61
C GLN A 194 7.06 26.09 9.05
N MSE A 195 6.11 25.20 8.78
CA MSE A 195 4.72 25.19 9.16
C MSE A 195 4.59 24.06 10.15
O MSE A 195 3.52 23.81 10.69
CB MSE A 195 3.84 24.95 7.92
CG MSE A 195 4.12 25.88 6.77
SE MSE A 195 2.47 26.63 6.15
CE MSE A 195 2.36 28.21 7.35
N ALA A 196 5.71 23.34 10.33
CA ALA A 196 5.81 22.17 11.18
C ALA A 196 7.16 22.10 11.91
N ASP A 197 7.20 21.26 12.95
CA ASP A 197 8.40 21.02 13.76
C ASP A 197 8.79 19.57 13.68
N LEU A 198 10.08 19.31 13.51
CA LEU A 198 10.60 17.95 13.47
C LEU A 198 10.51 17.39 14.89
N VAL A 199 9.81 16.24 15.03
CA VAL A 199 9.55 15.68 16.36
C VAL A 199 10.18 14.30 16.49
N TYR A 200 10.54 13.67 15.35
CA TYR A 200 11.13 12.34 15.38
C TYR A 200 11.80 11.94 14.08
N THR A 201 12.96 11.29 14.21
CA THR A 201 13.70 10.66 13.12
C THR A 201 13.97 9.26 13.56
N GLY A 202 13.61 8.29 12.72
CA GLY A 202 13.84 6.88 12.99
C GLY A 202 14.15 6.06 11.77
N ARG A 203 14.90 4.96 11.95
CA ARG A 203 15.18 4.05 10.84
C ARG A 203 14.34 2.82 11.08
N PHE A 204 13.56 2.41 10.06
CA PHE A 204 12.64 1.30 10.16
C PHE A 204 13.08 0.20 9.25
N ASP A 205 13.19 -1.01 9.82
CA ASP A 205 13.70 -2.20 9.12
C ASP A 205 12.50 -3.00 8.62
N LEU A 206 12.28 -2.85 7.34
CA LEU A 206 11.15 -3.43 6.65
C LEU A 206 11.42 -4.85 6.29
N ASN A 207 12.61 -5.11 5.67
CA ASN A 207 13.07 -6.39 5.20
C ASN A 207 11.96 -7.18 4.49
N PRO A 208 11.38 -6.67 3.40
CA PRO A 208 10.38 -7.49 2.68
C PRO A 208 11.06 -8.73 2.13
N ALA A 209 10.30 -9.84 1.99
CA ALA A 209 10.81 -11.08 1.40
C ALA A 209 11.35 -10.71 0.01
N ARG A 210 12.52 -11.25 -0.36
CA ARG A 210 13.23 -10.96 -1.61
C ARG A 210 12.33 -11.11 -2.84
N ASN A 211 12.23 -10.01 -3.63
CA ASN A 211 11.49 -9.88 -4.88
C ASN A 211 9.99 -10.05 -4.67
N THR A 212 9.51 -9.71 -3.48
CA THR A 212 8.09 -9.75 -3.12
C THR A 212 7.66 -8.36 -2.69
N ARG A 213 6.72 -7.78 -3.45
CA ARG A 213 6.14 -6.48 -3.11
C ARG A 213 5.16 -6.74 -1.94
N GLU A 214 5.57 -6.33 -0.73
CA GLU A 214 4.87 -6.58 0.52
C GLU A 214 4.24 -5.33 1.14
N LYS A 215 3.10 -5.54 1.80
CA LYS A 215 2.38 -4.53 2.58
C LYS A 215 2.94 -4.68 3.97
N LEU A 216 3.48 -3.62 4.53
CA LEU A 216 4.14 -3.69 5.84
C LEU A 216 3.70 -2.53 6.69
N LEU A 217 4.18 -2.47 7.93
CA LEU A 217 3.83 -1.42 8.86
C LEU A 217 5.02 -0.75 9.51
N LEU A 218 4.96 0.58 9.67
CA LEU A 218 5.98 1.30 10.46
C LEU A 218 5.41 1.36 11.86
N PRO A 219 5.96 0.63 12.86
CA PRO A 219 5.32 0.68 14.20
C PRO A 219 5.69 1.96 14.95
N LEU A 220 4.66 2.79 15.26
CA LEU A 220 4.83 4.09 15.92
C LEU A 220 4.31 4.10 17.33
N GLY A 221 3.65 3.01 17.73
CA GLY A 221 2.96 2.87 19.01
C GLY A 221 3.73 3.31 20.24
N ASP A 222 5.06 3.04 20.27
CA ASP A 222 5.89 3.35 21.43
C ASP A 222 6.73 4.67 21.30
N ILE A 223 6.55 5.42 20.20
CA ILE A 223 7.19 6.71 19.98
C ILE A 223 6.22 7.78 20.57
N LYS A 224 6.48 8.19 21.85
CA LYS A 224 5.64 9.14 22.62
C LYS A 224 5.45 10.49 21.89
N PRO A 225 6.46 11.14 21.25
CA PRO A 225 6.18 12.44 20.58
C PRO A 225 5.12 12.35 19.46
N LEU A 226 4.95 11.16 18.84
CA LEU A 226 3.94 10.97 17.80
C LEU A 226 2.59 10.61 18.43
N GLN A 227 2.52 10.58 19.76
CA GLN A 227 1.26 10.26 20.41
C GLN A 227 0.61 11.54 20.95
N GLN A 228 1.29 12.68 20.79
CA GLN A 228 0.74 13.99 21.23
C GLN A 228 -0.27 14.48 20.21
N ALA A 229 -1.28 15.23 20.65
CA ALA A 229 -2.31 15.76 19.78
C ALA A 229 -1.70 16.67 18.71
N GLY A 230 -2.17 16.49 17.48
CA GLY A 230 -1.77 17.29 16.34
C GLY A 230 -1.91 16.55 15.04
N VAL A 231 -1.56 17.23 13.96
CA VAL A 231 -1.55 16.69 12.61
C VAL A 231 -0.08 16.51 12.23
N TYR A 232 0.24 15.30 11.79
CA TYR A 232 1.61 14.93 11.47
C TYR A 232 1.81 14.60 10.02
N LEU A 233 3.00 14.94 9.54
CA LEU A 233 3.48 14.59 8.21
C LEU A 233 4.67 13.64 8.36
N ALA A 234 4.57 12.42 7.80
CA ALA A 234 5.70 11.47 7.79
C ALA A 234 6.34 11.52 6.43
N VAL A 235 7.66 11.75 6.37
CA VAL A 235 8.44 11.88 5.14
C VAL A 235 9.60 10.87 5.10
N MSE A 236 9.62 10.06 4.04
CA MSE A 236 10.70 9.10 3.79
C MSE A 236 11.88 9.79 3.16
O MSE A 236 11.69 10.58 2.24
CB MSE A 236 10.22 7.99 2.88
CG MSE A 236 9.25 7.08 3.56
SE MSE A 236 8.81 5.67 2.35
CE MSE A 236 7.76 4.63 3.61
N ASN A 237 13.09 9.50 3.66
CA ASN A 237 14.34 10.06 3.17
C ASN A 237 14.54 9.74 1.69
N GLN A 238 14.79 10.82 0.92
CA GLN A 238 15.00 10.87 -0.53
C GLN A 238 16.50 10.78 -0.84
N ALA A 239 17.04 9.56 -0.68
CA ALA A 239 18.45 9.21 -0.96
C ALA A 239 18.50 7.70 -1.26
N GLY A 240 18.46 7.40 -2.55
CA GLY A 240 18.45 6.04 -3.08
C GLY A 240 17.70 5.98 -4.40
N ARG A 241 18.24 5.23 -5.37
CA ARG A 241 17.69 5.06 -6.73
C ARG A 241 16.43 4.15 -6.70
N TYR A 242 15.34 4.64 -6.05
CA TYR A 242 14.06 3.93 -5.90
C TYR A 242 12.90 4.73 -6.50
N ASP A 243 11.79 4.02 -6.86
CA ASP A 243 10.55 4.60 -7.42
C ASP A 243 9.93 5.61 -6.42
N TYR A 244 9.96 5.27 -5.11
CA TYR A 244 9.51 6.03 -3.93
C TYR A 244 7.96 6.25 -3.82
N SER A 245 7.18 6.02 -4.90
CA SER A 245 5.70 6.10 -4.96
C SER A 245 5.07 7.23 -4.09
N ASN A 246 4.75 6.97 -2.79
CA ASN A 246 4.16 7.94 -1.85
C ASN A 246 5.16 8.22 -0.72
N PRO A 247 6.11 9.16 -0.92
CA PRO A 247 7.14 9.41 0.11
C PRO A 247 6.62 10.10 1.35
N ALA A 248 5.50 10.83 1.25
CA ALA A 248 4.93 11.53 2.38
C ALA A 248 3.51 11.08 2.64
N THR A 249 3.17 10.94 3.93
CA THR A 249 1.82 10.61 4.37
C THR A 249 1.41 11.56 5.51
N LEU A 250 0.10 11.66 5.73
CA LEU A 250 -0.49 12.51 6.77
C LEU A 250 -1.32 11.66 7.74
N PHE A 251 -1.25 12.01 9.02
CA PHE A 251 -2.04 11.34 10.06
C PHE A 251 -2.37 12.34 11.14
N THR A 252 -3.50 12.12 11.85
CA THR A 252 -3.99 13.03 12.87
C THR A 252 -4.23 12.35 14.19
N LEU A 253 -3.76 12.97 15.27
CA LEU A 253 -4.03 12.54 16.64
C LEU A 253 -4.93 13.55 17.26
N SER A 254 -6.20 13.19 17.42
CA SER A 254 -7.25 14.05 17.95
C SER A 254 -8.30 13.25 18.70
N ASP A 255 -8.91 13.89 19.69
CA ASP A 255 -10.01 13.35 20.51
C ASP A 255 -11.34 13.69 19.87
N ILE A 256 -11.35 14.59 18.88
CA ILE A 256 -12.59 15.09 18.29
C ILE A 256 -13.01 14.29 17.06
N GLY A 257 -14.12 13.58 17.19
CA GLY A 257 -14.72 12.83 16.10
C GLY A 257 -15.75 13.71 15.43
N VAL A 258 -15.56 14.00 14.14
CA VAL A 258 -16.45 14.88 13.37
C VAL A 258 -17.22 14.08 12.33
N SER A 259 -18.50 14.37 12.20
CA SER A 259 -19.33 13.78 11.16
C SER A 259 -20.24 14.88 10.64
N ALA A 260 -20.40 14.95 9.32
CA ALA A 260 -21.21 15.94 8.61
C ALA A 260 -22.29 15.25 7.79
N HIS A 261 -23.56 15.67 7.98
CA HIS A 261 -24.72 15.12 7.29
C HIS A 261 -25.32 16.19 6.41
N ARG A 262 -25.55 15.84 5.15
CA ARG A 262 -26.05 16.78 4.17
C ARG A 262 -27.47 16.46 3.78
N TYR A 263 -28.30 17.49 3.79
CA TYR A 263 -29.69 17.45 3.37
C TYR A 263 -29.94 18.74 2.67
N HIS A 264 -30.15 18.68 1.35
CA HIS A 264 -30.30 19.84 0.47
C HIS A 264 -29.18 20.80 0.81
N ASN A 265 -29.48 22.05 1.17
CA ASN A 265 -28.41 22.99 1.52
C ASN A 265 -27.97 22.99 3.02
N ARG A 266 -28.28 21.93 3.77
CA ARG A 266 -27.95 21.96 5.20
C ARG A 266 -26.83 21.00 5.53
N LEU A 267 -26.01 21.38 6.51
CA LEU A 267 -24.90 20.61 7.08
C LEU A 267 -25.16 20.41 8.54
N ASP A 268 -25.48 19.19 8.97
CA ASP A 268 -25.63 18.83 10.38
C ASP A 268 -24.35 18.17 10.78
N ILE A 269 -23.53 18.91 11.53
CA ILE A 269 -22.21 18.50 11.99
C ILE A 269 -22.28 18.07 13.45
N PHE A 270 -21.77 16.88 13.74
CA PHE A 270 -21.70 16.34 15.10
C PHE A 270 -20.23 16.10 15.52
N THR A 271 -19.84 16.69 16.66
CA THR A 271 -18.52 16.54 17.29
C THR A 271 -18.71 15.64 18.52
N GLN A 272 -18.02 14.48 18.51
CA GLN A 272 -18.16 13.52 19.61
C GLN A 272 -16.84 12.84 19.92
N SER A 273 -16.61 12.57 21.22
CA SER A 273 -15.37 12.01 21.75
C SER A 273 -15.00 10.68 21.14
N LEU A 274 -13.72 10.52 20.80
CA LEU A 274 -13.17 9.28 20.28
C LEU A 274 -12.93 8.30 21.42
N GLU A 275 -12.92 8.80 22.66
CA GLU A 275 -12.73 7.96 23.84
C GLU A 275 -14.04 7.24 24.20
N ASN A 276 -15.20 7.97 24.27
CA ASN A 276 -16.46 7.36 24.73
C ASN A 276 -17.70 7.63 23.84
N GLY A 277 -17.55 8.39 22.76
CA GLY A 277 -18.69 8.67 21.88
C GLY A 277 -19.62 9.77 22.38
N ALA A 278 -19.38 10.26 23.61
CA ALA A 278 -20.20 11.33 24.19
C ALA A 278 -20.16 12.59 23.33
N ALA A 279 -21.28 13.31 23.30
CA ALA A 279 -21.43 14.58 22.62
C ALA A 279 -20.36 15.54 23.15
N GLN A 280 -19.79 16.34 22.25
CA GLN A 280 -18.76 17.29 22.65
C GLN A 280 -19.26 18.71 22.42
N GLN A 281 -19.38 19.44 23.52
CA GLN A 281 -19.85 20.79 23.55
C GLN A 281 -18.68 21.78 23.55
N GLY A 282 -18.88 22.96 22.97
CA GLY A 282 -17.91 24.03 23.01
C GLY A 282 -16.79 23.93 22.00
N ILE A 283 -16.96 23.04 21.00
CA ILE A 283 -15.98 22.84 19.95
C ILE A 283 -16.23 23.86 18.85
N GLU A 284 -15.19 24.64 18.58
CA GLU A 284 -15.17 25.64 17.53
C GLU A 284 -15.14 24.93 16.17
N VAL A 285 -16.22 25.04 15.42
CA VAL A 285 -16.33 24.39 14.11
C VAL A 285 -16.32 25.46 13.02
N SER A 286 -15.39 25.35 12.04
CA SER A 286 -15.30 26.31 10.95
C SER A 286 -15.41 25.62 9.59
N LEU A 287 -15.96 26.33 8.59
CA LEU A 287 -15.94 25.89 7.20
C LEU A 287 -14.90 26.69 6.53
N LEU A 288 -13.89 26.05 5.91
CA LEU A 288 -12.81 26.74 5.22
C LEU A 288 -12.91 26.55 3.72
N ASN A 289 -12.44 27.54 2.95
CA ASN A 289 -12.33 27.43 1.50
C ASN A 289 -11.01 26.70 1.16
N GLU A 290 -10.71 26.57 -0.14
CA GLU A 290 -9.53 25.90 -0.71
C GLU A 290 -8.20 26.57 -0.26
N LYS A 291 -8.24 27.88 0.15
CA LYS A 291 -7.10 28.68 0.63
C LYS A 291 -6.94 28.58 2.14
N GLY A 292 -7.86 27.87 2.80
CA GLY A 292 -7.85 27.65 4.23
C GLY A 292 -8.35 28.82 5.03
N GLN A 293 -9.13 29.70 4.36
CA GLN A 293 -9.77 30.87 4.95
C GLN A 293 -11.14 30.49 5.51
N THR A 294 -11.47 31.01 6.71
CA THR A 294 -12.77 30.79 7.38
C THR A 294 -13.92 31.42 6.58
N LEU A 295 -14.94 30.61 6.24
CA LEU A 295 -16.15 31.04 5.52
C LEU A 295 -17.27 31.32 6.51
N THR A 296 -17.36 30.49 7.56
CA THR A 296 -18.29 30.63 8.67
C THR A 296 -17.72 29.90 9.87
N GLN A 297 -18.16 30.26 11.06
CA GLN A 297 -17.76 29.67 12.32
C GLN A 297 -18.96 29.61 13.29
N ALA A 298 -19.02 28.54 14.09
CA ALA A 298 -20.05 28.28 15.10
C ALA A 298 -19.47 27.35 16.20
N THR A 299 -20.18 27.23 17.31
CA THR A 299 -19.77 26.41 18.46
C THR A 299 -20.75 25.24 18.61
N SER A 300 -20.22 24.05 18.84
CA SER A 300 -21.03 22.85 19.09
C SER A 300 -21.82 23.04 20.37
N ASP A 301 -23.09 22.65 20.34
CA ASP A 301 -24.00 22.78 21.47
C ASP A 301 -23.87 21.55 22.38
N ALA A 302 -24.74 21.45 23.41
CA ALA A 302 -24.79 20.40 24.45
C ALA A 302 -24.92 19.01 23.87
N GLN A 303 -25.52 18.87 22.68
CA GLN A 303 -25.72 17.64 21.90
C GLN A 303 -24.60 17.46 20.82
N GLY A 304 -23.47 18.18 21.01
CA GLY A 304 -22.33 18.19 20.09
C GLY A 304 -22.69 18.55 18.66
N HIS A 305 -23.82 19.25 18.48
CA HIS A 305 -24.41 19.62 17.19
C HIS A 305 -24.04 21.06 16.74
N VAL A 306 -23.85 21.21 15.41
CA VAL A 306 -23.60 22.45 14.65
C VAL A 306 -24.41 22.33 13.35
N GLN A 307 -25.30 23.28 13.13
CA GLN A 307 -26.13 23.30 11.93
C GLN A 307 -25.80 24.51 11.09
N LEU A 308 -25.29 24.30 9.88
CA LEU A 308 -24.91 25.40 8.99
C LEU A 308 -25.49 25.19 7.63
N GLU A 309 -25.49 26.26 6.85
CA GLU A 309 -25.87 26.22 5.44
C GLU A 309 -24.67 25.77 4.71
N ASN A 310 -24.88 25.07 3.59
CA ASN A 310 -23.77 24.64 2.77
C ASN A 310 -23.25 25.84 1.99
N ASP A 311 -21.95 25.86 1.79
CA ASP A 311 -21.28 26.91 1.03
C ASP A 311 -20.60 26.18 -0.10
N LYS A 312 -20.85 26.62 -1.35
CA LYS A 312 -20.26 26.03 -2.54
C LYS A 312 -18.71 26.13 -2.54
N ASN A 313 -18.15 27.06 -1.72
CA ASN A 313 -16.70 27.22 -1.62
C ASN A 313 -16.09 26.48 -0.48
N ALA A 314 -16.91 25.79 0.36
CA ALA A 314 -16.37 25.02 1.49
C ALA A 314 -15.64 23.76 1.00
N ALA A 315 -14.35 23.68 1.31
CA ALA A 315 -13.52 22.54 0.93
C ALA A 315 -13.24 21.68 2.15
N LEU A 316 -13.05 22.33 3.31
CA LEU A 316 -12.74 21.66 4.55
C LEU A 316 -13.55 22.15 5.72
N LEU A 317 -13.83 21.23 6.63
CA LEU A 317 -14.44 21.48 7.91
C LEU A 317 -13.29 21.34 8.92
N LEU A 318 -13.20 22.26 9.84
CA LEU A 318 -12.18 22.28 10.90
C LEU A 318 -12.85 22.35 12.24
N ALA A 319 -12.56 21.41 13.11
CA ALA A 319 -13.08 21.37 14.47
C ALA A 319 -11.93 21.48 15.47
N ARG A 320 -11.98 22.42 16.42
CA ARG A 320 -10.89 22.52 17.39
C ARG A 320 -11.36 22.98 18.78
N LYS A 321 -10.62 22.53 19.81
CA LYS A 321 -10.82 22.83 21.21
C LYS A 321 -9.70 22.25 22.04
N ASP A 322 -9.07 23.09 22.88
CA ASP A 322 -8.05 22.75 23.87
C ASP A 322 -6.84 22.02 23.27
N GLY A 323 -6.38 22.52 22.12
CA GLY A 323 -5.24 21.97 21.40
C GLY A 323 -5.57 20.81 20.48
N GLN A 324 -6.81 20.27 20.54
CA GLN A 324 -7.22 19.16 19.66
C GLN A 324 -7.76 19.73 18.38
N THR A 325 -7.40 19.15 17.26
CA THR A 325 -7.87 19.56 15.95
C THR A 325 -8.25 18.37 15.06
N THR A 326 -9.42 18.44 14.43
CA THR A 326 -9.85 17.46 13.43
C THR A 326 -10.32 18.19 12.21
N LEU A 327 -9.89 17.69 11.07
CA LEU A 327 -10.28 18.20 9.78
C LEU A 327 -11.18 17.18 9.13
N LEU A 328 -12.07 17.66 8.29
CA LEU A 328 -12.97 16.81 7.54
C LEU A 328 -13.08 17.38 6.14
N ASP A 329 -12.82 16.54 5.15
CA ASP A 329 -12.90 16.90 3.74
C ASP A 329 -14.36 16.97 3.31
N LEU A 330 -14.78 18.12 2.75
CA LEU A 330 -16.14 18.32 2.27
C LEU A 330 -16.22 18.13 0.75
N LYS A 331 -15.05 18.08 0.05
CA LYS A 331 -14.91 17.86 -1.39
C LYS A 331 -15.24 16.41 -1.73
O1 PG4 B . 7.03 -18.64 -25.99
C1 PG4 B . 6.56 -19.75 -26.77
C2 PG4 B . 6.45 -20.99 -25.94
O2 PG4 B . 6.14 -22.11 -26.76
C3 PG4 B . 6.97 -23.23 -26.52
C4 PG4 B . 7.59 -23.73 -27.77
O3 PG4 B . 8.96 -24.05 -27.54
C5 PG4 B . 9.84 -23.36 -28.43
C6 PG4 B . 11.17 -24.03 -28.55
O4 PG4 B . 12.28 -23.13 -28.51
C7 PG4 B . 12.06 -21.83 -29.09
C8 PG4 B . 12.92 -21.66 -30.31
O5 PG4 B . 12.42 -22.43 -31.40
C1 PGE C . -29.39 23.35 15.78
O1 PGE C . -30.75 23.74 15.97
C2 PGE C . -28.45 24.37 16.39
O2 PGE C . -27.13 23.84 16.47
C3 PGE C . -26.11 24.84 16.56
C4 PGE C . -25.75 25.38 15.19
O4 PGE C . -26.51 28.80 12.73
C6 PGE C . -25.96 28.51 14.00
C5 PGE C . -25.09 27.30 13.98
O3 PGE C . -25.09 26.63 15.24
OH2 1PE D . -11.35 -24.97 -18.92
C12 1PE D . -10.73 -23.69 -19.08
C22 1PE D . -9.77 -23.43 -17.92
OH3 1PE D . -8.58 -22.84 -18.44
C13 1PE D . -6.38 -21.98 -17.88
C23 1PE D . -7.68 -22.60 -17.33
OH4 1PE D . -5.94 -22.79 -18.97
C14 1PE D . -4.29 -23.12 -20.71
C24 1PE D . -4.74 -22.24 -19.53
OH5 1PE D . -5.45 -23.66 -21.38
C15 1PE D . -6.16 -25.13 -23.22
C25 1PE D . -4.99 -24.49 -22.45
OH6 1PE D . -7.34 -25.19 -22.41
C16 1PE D . -9.70 -25.86 -22.43
C26 1PE D . -8.37 -25.78 -23.21
OH7 1PE D . -9.57 -26.77 -21.35
C1 PEG E . 15.25 11.94 16.77
O1 PEG E . 15.04 10.87 17.69
C2 PEG E . 14.18 12.99 16.91
O2 PEG E . 14.60 14.24 16.38
C3 PEG E . 13.82 15.35 16.86
C4 PEG E . 14.44 15.95 18.10
O4 PEG E . 13.62 16.95 18.68
C1 GOL F . -24.35 27.38 -1.78
O1 GOL F . -24.76 26.02 -1.68
C2 GOL F . -25.51 28.30 -2.10
O2 GOL F . -26.21 27.83 -3.27
C3 GOL F . -26.49 28.47 -0.96
O3 GOL F . -25.84 28.71 0.28
C1 GOL G . -5.24 11.67 22.50
O1 GOL G . -6.57 12.12 22.36
C2 GOL G . -4.26 12.76 22.14
O2 GOL G . -4.59 13.29 20.85
C3 GOL G . -4.23 13.88 23.16
O3 GOL G . -2.94 14.48 23.24
C1 GOL H . -3.90 26.66 -1.74
O1 GOL H . -2.65 27.31 -1.49
C2 GOL H . -4.40 26.93 -3.14
O2 GOL H . -5.40 25.96 -3.48
C3 GOL H . -5.00 28.32 -3.24
O3 GOL H . -5.71 28.49 -4.47
C1 GOL I . 13.61 -26.17 -10.21
O1 GOL I . 13.37 -27.32 -11.00
C2 GOL I . 14.54 -25.21 -10.93
O2 GOL I . 14.42 -23.93 -10.34
C3 GOL I . 15.98 -25.66 -10.88
O3 GOL I . 16.32 -26.51 -11.96
C1 GOL J . -4.33 13.01 2.48
O1 GOL J . -3.87 13.64 3.67
C2 GOL J . -5.64 13.60 2.02
O2 GOL J . -5.98 13.06 0.74
C3 GOL J . -6.77 13.31 3.00
O3 GOL J . -8.01 13.81 2.52
#